data_3E6P
#
_entry.id   3E6P
#
_cell.length_a   121.336
_cell.length_b   121.336
_cell.length_c   100.204
_cell.angle_alpha   90.00
_cell.angle_beta   90.00
_cell.angle_gamma   90.00
#
_symmetry.space_group_name_H-M   'P 41 21 2'
#
loop_
_entity.id
_entity.type
_entity.pdbx_description
1 polymer Prothrombin
2 polymer Prothrombin
3 branched 2-acetamido-2-deoxy-beta-D-glucopyranose-(1-4)-2-acetamido-2-deoxy-beta-D-glucopyranose
4 non-polymer 'SULFATE ION'
5 non-polymer D-PHENYLALANYL-N-[(1S)-4-{[(Z)-AMINO(IMINO)METHYL]AMINO}-1-(CHLOROACETYL)BUTYL]-L-PROLINAMIDE
6 non-polymer 'SODIUM ION'
7 water water
#
loop_
_entity_poly.entity_id
_entity_poly.type
_entity_poly.pdbx_seq_one_letter_code
_entity_poly.pdbx_strand_id
1 'polypeptide(L)'
;LSPPLEQCVPDRGQQYQGRLAVTTHGLPCLAWASAQAKALSKHQDFNSAVQLVENFCRNPDGDEEGVWCYVAGKPGDFGY
CDLNYCEEAVEEETGDGLDEDSDRAIEGRTATSEYQTFFNPRTFGSGEADCGLRPLFEKKSLEDKTERELLESYIDGR
;
L
2 'polypeptide(L)'
;IVEGSDAEIGMSPWQVMLFRKSPQELLCGASLISDRWVLTAAHCLLYPPWDKNFTENDLLVRIGKHSRTRYERNIEKISM
LEKIYIHPRYNWRENLDRDIALMKLKKPVAFSDYIHPVCLPDRETAASLLQAGYKGRVTGWGNLKETWTANVGKGQPSVL
QVVNLPIVERPVCKDSTRIRITDNMFCAGYKPDEGKRGDACEGDSGGPFVMKSPFNNRWYQMGIVSWGEGCDRDGKYGFY
THVFRLKKWIQKVIDQFGE
;
H
#
loop_
_chem_comp.id
_chem_comp.type
_chem_comp.name
_chem_comp.formula
DFK non-polymer D-PHENYLALANYL-N-[(1S)-4-{[(Z)-AMINO(IMINO)METHYL]AMINO}-1-(CHLOROACETYL)BUTYL]-L-PROLINAMIDE 'C21 H34 N6 O3'
NA non-polymer 'SODIUM ION' 'Na 1'
NAG D-saccharide, beta linking 2-acetamido-2-deoxy-beta-D-glucopyranose 'C8 H15 N O6'
SO4 non-polymer 'SULFATE ION' 'O4 S -2'
#
# COMPACT_ATOMS: atom_id res chain seq x y z
N GLN A 7 -26.60 20.65 17.04
CA GLN A 7 -26.18 21.69 16.05
C GLN A 7 -25.04 21.21 15.13
N CYS A 8 -23.87 20.96 15.72
CA CYS A 8 -22.79 20.32 14.97
C CYS A 8 -22.42 18.93 15.50
N VAL A 9 -22.17 18.03 14.55
CA VAL A 9 -21.78 16.66 14.82
C VAL A 9 -20.31 16.62 15.33
N PRO A 10 -20.05 15.91 16.44
CA PRO A 10 -18.68 15.70 16.97
C PRO A 10 -18.10 14.33 16.59
N ASP A 11 -16.85 14.07 17.00
CA ASP A 11 -16.25 12.73 16.90
C ASP A 11 -16.45 12.14 15.48
N ARG A 12 -16.09 12.96 14.48
CA ARG A 12 -16.20 12.63 13.06
C ARG A 12 -17.51 11.95 12.70
N GLY A 13 -18.59 12.37 13.38
CA GLY A 13 -19.92 11.77 13.19
C GLY A 13 -20.01 10.27 13.37
N GLN A 14 -19.20 9.74 14.29
CA GLN A 14 -19.28 8.32 14.59
C GLN A 14 -20.49 7.98 15.48
N GLN A 15 -20.87 8.93 16.33
CA GLN A 15 -22.25 8.99 16.83
C GLN A 15 -22.93 9.98 15.89
N TYR A 16 -23.97 9.49 15.21
CA TYR A 16 -24.75 10.26 14.27
C TYR A 16 -25.81 9.25 13.93
N GLN A 17 -27.05 9.71 14.02
CA GLN A 17 -28.21 8.84 13.95
C GLN A 17 -29.24 9.42 13.02
N GLY A 18 -28.81 10.27 12.11
CA GLY A 18 -29.73 11.04 11.31
C GLY A 18 -30.25 10.27 10.11
N ARG A 19 -30.93 11.01 9.25
CA ARG A 19 -31.69 10.46 8.16
C ARG A 19 -31.00 10.65 6.76
N LEU A 20 -29.87 11.39 6.74
CA LEU A 20 -29.23 11.80 5.44
C LEU A 20 -28.89 10.61 4.57
N ALA A 21 -29.42 10.61 3.36
CA ALA A 21 -29.31 9.47 2.46
C ALA A 21 -28.87 9.88 1.05
N VAL A 22 -28.14 11.00 0.99
CA VAL A 22 -27.65 11.55 -0.28
C VAL A 22 -26.22 12.08 -0.10
N THR A 23 -25.33 11.72 -1.03
CA THR A 23 -23.92 12.19 -1.03
C THR A 23 -23.79 13.68 -1.43
N THR A 24 -22.65 14.29 -1.11
CA THR A 24 -22.36 15.68 -1.51
C THR A 24 -22.60 15.95 -3.00
N HIS A 25 -22.42 14.93 -3.84
CA HIS A 25 -22.61 15.02 -5.27
C HIS A 25 -24.03 14.70 -5.67
N GLY A 26 -24.97 14.84 -4.73
CA GLY A 26 -26.39 14.47 -4.94
C GLY A 26 -26.65 13.07 -5.47
N LEU A 27 -25.80 12.12 -5.15
CA LEU A 27 -26.14 10.74 -5.45
C LEU A 27 -26.85 10.06 -4.24
N PRO A 28 -27.86 9.21 -4.52
CA PRO A 28 -28.62 8.52 -3.47
C PRO A 28 -27.87 7.33 -2.90
N CYS A 29 -27.76 7.29 -1.56
CA CYS A 29 -27.11 6.21 -0.84
C CYS A 29 -27.76 4.87 -1.13
N LEU A 30 -26.96 3.87 -1.43
CA LEU A 30 -27.42 2.50 -1.58
C LEU A 30 -27.78 1.95 -0.16
N ALA A 31 -28.55 0.88 -0.10
CA ALA A 31 -28.98 0.30 1.18
C ALA A 31 -27.82 -0.46 1.77
N TRP A 32 -27.44 -0.12 3.02
CA TRP A 32 -26.32 -0.79 3.72
C TRP A 32 -26.50 -2.30 3.75
N ALA A 33 -27.76 -2.72 3.70
CA ALA A 33 -28.19 -4.12 3.76
C ALA A 33 -28.25 -4.74 2.38
N SER A 34 -28.12 -3.91 1.36
CA SER A 34 -28.21 -4.32 -0.04
C SER A 34 -27.14 -5.35 -0.35
N ALA A 35 -27.33 -6.14 -1.40
CA ALA A 35 -26.32 -7.14 -1.74
C ALA A 35 -25.01 -6.47 -2.15
N GLN A 36 -25.04 -5.64 -3.19
CA GLN A 36 -23.80 -5.08 -3.68
C GLN A 36 -23.04 -4.28 -2.60
N ALA A 37 -23.77 -3.63 -1.68
CA ALA A 37 -23.17 -2.93 -0.53
C ALA A 37 -22.53 -3.86 0.50
N LYS A 38 -23.01 -5.08 0.53
CA LYS A 38 -22.52 -6.09 1.46
C LYS A 38 -21.26 -6.78 0.94
N ALA A 39 -21.26 -7.10 -0.36
CA ALA A 39 -20.03 -7.46 -1.08
C ALA A 39 -18.85 -6.50 -0.78
N LEU A 40 -19.11 -5.20 -0.78
CA LEU A 40 -18.08 -4.22 -0.55
C LEU A 40 -17.72 -4.12 0.93
N SER A 41 -18.70 -4.36 1.79
CA SER A 41 -18.44 -4.37 3.22
C SER A 41 -17.71 -5.65 3.65
N LYS A 42 -17.77 -6.67 2.82
CA LYS A 42 -17.30 -8.00 3.22
C LYS A 42 -15.93 -8.11 3.89
N HIS A 43 -14.90 -7.38 3.43
CA HIS A 43 -13.56 -7.55 3.99
C HIS A 43 -13.11 -6.34 4.76
N GLN A 44 -14.05 -5.47 5.08
CA GLN A 44 -13.71 -4.26 5.82
C GLN A 44 -13.77 -4.42 7.34
N ASP A 45 -13.28 -3.42 8.06
CA ASP A 45 -13.13 -3.45 9.52
C ASP A 45 -14.11 -2.47 10.23
N PHE A 46 -15.35 -2.92 10.45
CA PHE A 46 -16.41 -2.00 10.93
C PHE A 46 -16.65 -1.97 12.48
N ASN A 47 -16.86 -0.76 13.00
CA ASN A 47 -17.09 -0.56 14.43
C ASN A 47 -18.55 -0.82 14.79
N SER A 48 -18.75 -1.80 15.67
CA SER A 48 -20.06 -2.19 16.20
C SER A 48 -20.93 -1.08 16.77
N ALA A 49 -20.33 -0.16 17.52
CA ALA A 49 -21.07 1.03 18.00
C ALA A 49 -21.68 1.93 16.88
N VAL A 50 -21.58 1.47 15.63
CA VAL A 50 -22.09 2.19 14.47
C VAL A 50 -23.12 1.36 13.78
N GLN A 51 -24.34 1.87 13.83
CA GLN A 51 -25.53 1.17 13.38
C GLN A 51 -25.77 1.46 11.91
N LEU A 52 -25.67 0.42 11.07
CA LEU A 52 -25.83 0.61 9.63
C LEU A 52 -27.28 0.56 9.21
N VAL A 53 -27.96 1.66 9.48
CA VAL A 53 -29.41 1.73 9.34
C VAL A 53 -29.81 2.15 7.93
N GLU A 54 -30.50 1.24 7.23
CA GLU A 54 -31.22 1.61 6.02
C GLU A 54 -30.23 2.03 4.89
N ASN A 55 -30.26 3.30 4.50
CA ASN A 55 -29.31 3.86 3.52
C ASN A 55 -28.79 5.20 4.03
N PHE A 56 -28.55 5.27 5.33
CA PHE A 56 -28.18 6.54 5.93
C PHE A 56 -26.66 6.71 6.07
N CYS A 57 -26.20 7.94 5.89
CA CYS A 57 -24.78 8.26 5.99
C CYS A 57 -24.23 7.91 7.37
N ARG A 58 -23.36 6.91 7.38
CA ARG A 58 -22.69 6.48 8.61
C ARG A 58 -21.16 6.45 8.43
N ASN A 59 -20.44 6.51 9.55
CA ASN A 59 -19.00 6.36 9.53
C ASN A 59 -18.53 5.09 10.30
N PRO A 60 -18.78 3.90 9.75
CA PRO A 60 -18.40 2.61 10.37
C PRO A 60 -16.89 2.36 10.58
N ASP A 61 -16.05 2.86 9.67
CA ASP A 61 -14.64 2.52 9.72
C ASP A 61 -13.83 3.61 10.35
N GLY A 62 -14.49 4.67 10.80
CA GLY A 62 -13.79 5.74 11.49
C GLY A 62 -12.96 6.61 10.57
N ASP A 63 -13.44 6.76 9.33
CA ASP A 63 -12.86 7.61 8.27
C ASP A 63 -12.66 9.02 8.80
N GLU A 64 -11.46 9.60 8.65
CA GLU A 64 -11.20 10.95 9.18
C GLU A 64 -12.14 12.00 8.57
N GLU A 65 -12.76 11.64 7.46
CA GLU A 65 -13.53 12.58 6.67
C GLU A 65 -15.01 12.59 7.07
N GLY A 66 -15.38 11.67 7.98
CA GLY A 66 -16.76 11.59 8.48
C GLY A 66 -17.60 10.55 7.79
N VAL A 67 -18.93 10.81 7.79
CA VAL A 67 -19.91 9.84 7.29
C VAL A 67 -19.92 9.75 5.77
N TRP A 68 -20.43 8.63 5.27
CA TRP A 68 -20.42 8.38 3.86
C TRP A 68 -21.39 7.29 3.60
N CYS A 69 -21.58 6.94 2.34
CA CYS A 69 -22.38 5.80 1.98
C CYS A 69 -21.96 5.32 0.62
N TYR A 70 -22.35 4.08 0.27
CA TYR A 70 -22.09 3.54 -1.02
C TYR A 70 -23.11 4.17 -1.92
N VAL A 71 -22.74 4.20 -3.21
CA VAL A 71 -23.51 4.82 -4.26
C VAL A 71 -23.73 3.83 -5.39
N ALA A 72 -22.87 2.80 -5.48
CA ALA A 72 -23.06 1.74 -6.49
C ALA A 72 -22.19 0.54 -6.09
N GLY A 73 -22.00 -0.44 -6.96
CA GLY A 73 -21.36 -1.67 -6.50
C GLY A 73 -19.91 -2.00 -6.84
N LYS A 74 -19.16 -1.02 -7.37
CA LYS A 74 -17.75 -1.26 -7.74
C LYS A 74 -16.79 -0.52 -6.79
N PRO A 75 -15.50 -0.94 -6.75
CA PRO A 75 -14.59 -0.31 -5.80
C PRO A 75 -14.53 1.16 -6.10
N GLY A 76 -14.58 1.96 -5.06
CA GLY A 76 -14.56 3.39 -5.20
C GLY A 76 -15.89 4.09 -5.39
N ASP A 77 -16.97 3.32 -5.55
CA ASP A 77 -18.31 3.89 -5.72
C ASP A 77 -18.96 4.21 -4.37
N PHE A 78 -18.42 5.20 -3.67
CA PHE A 78 -19.00 5.67 -2.43
C PHE A 78 -18.82 7.17 -2.39
N GLY A 79 -19.43 7.86 -1.44
CA GLY A 79 -19.32 9.31 -1.35
C GLY A 79 -19.61 9.81 0.05
N TYR A 80 -18.91 10.85 0.48
CA TYR A 80 -19.18 11.51 1.75
C TYR A 80 -20.47 12.33 1.70
N CYS A 81 -21.07 12.56 2.88
CA CYS A 81 -22.31 13.28 3.03
C CYS A 81 -22.05 14.53 3.79
N ASP A 82 -22.73 15.62 3.41
N ASP A 82 -22.78 15.55 3.38
CA ASP A 82 -22.29 16.97 3.85
CA ASP A 82 -22.58 16.89 3.85
C ASP A 82 -22.88 17.42 5.19
C ASP A 82 -23.22 16.99 5.21
N LEU A 83 -22.41 16.81 6.25
CA LEU A 83 -22.85 17.10 7.61
C LEU A 83 -21.96 18.20 8.13
N ASN A 84 -22.51 18.97 9.05
CA ASN A 84 -21.79 20.05 9.67
C ASN A 84 -21.09 19.50 10.94
N TYR A 85 -19.76 19.41 10.89
CA TYR A 85 -18.97 18.81 11.97
C TYR A 85 -18.43 19.91 12.88
N CYS A 86 -17.84 19.55 14.01
CA CYS A 86 -17.33 20.59 14.93
C CYS A 86 -15.84 20.84 14.78
N GLU A 87 -15.36 21.93 15.39
CA GLU A 87 -13.99 22.43 15.21
C GLU A 87 -12.87 21.45 15.56
N GLU A 88 -13.11 20.62 16.58
CA GLU A 88 -12.29 19.43 16.93
C GLU A 88 -10.76 19.59 16.80
N ALA A 89 -10.21 20.61 17.46
CA ALA A 89 -8.80 21.01 17.28
C ALA A 89 -7.72 20.07 17.88
N VAL A 90 -7.36 19.03 17.09
CA VAL A 90 -6.23 18.10 17.34
C VAL A 90 -5.77 17.45 16.01
N GLU A 91 -4.50 16.89 15.97
CA GLU A 91 -3.97 16.29 14.74
C GLU A 91 -2.99 15.18 15.05
N GLU A 92 -2.89 14.19 14.08
CA GLU A 92 -1.95 13.05 14.16
C GLU A 92 -0.64 13.30 13.40
N GLU A 93 0.51 12.95 14.03
CA GLU A 93 1.85 13.09 13.46
C GLU A 93 2.52 11.74 13.27
N THR A 94 3.60 11.69 12.48
CA THR A 94 4.25 10.45 11.96
C THR A 94 4.41 9.22 12.92
N GLY A 95 4.30 9.46 14.24
CA GLY A 95 4.19 8.36 15.19
C GLY A 95 3.05 8.51 16.21
N ASP A 96 1.84 8.82 15.71
CA ASP A 96 0.68 9.15 16.58
C ASP A 96 -0.58 8.27 16.44
N GLY A 97 -1.16 8.19 15.24
CA GLY A 97 -2.47 7.53 15.01
C GLY A 97 -2.55 6.01 15.10
N LEU A 98 -3.21 5.51 16.15
CA LEU A 98 -3.34 4.06 16.40
C LEU A 98 -4.45 3.32 15.59
N ASP A 99 -5.52 2.88 16.27
CA ASP A 99 -6.59 2.02 15.71
C ASP A 99 -6.21 0.53 15.60
N GLU A 100 -6.96 -0.35 16.29
CA GLU A 100 -6.67 -1.81 16.37
C GLU A 100 -6.44 -2.50 15.02
N ASP A 101 -5.32 -3.23 14.89
CA ASP A 101 -4.83 -3.75 13.60
C ASP A 101 -3.90 -4.98 13.73
N SER A 102 -4.35 -6.09 13.12
CA SER A 102 -3.67 -7.41 13.10
C SER A 102 -3.97 -8.37 14.28
N ASP A 103 -5.13 -8.19 14.91
CA ASP A 103 -5.62 -9.09 15.96
C ASP A 103 -7.00 -9.70 15.62
N ARG A 104 -7.70 -10.21 16.64
CA ARG A 104 -9.09 -10.64 16.49
C ARG A 104 -9.93 -10.16 17.69
N ALA A 105 -9.56 -10.62 18.89
CA ALA A 105 -10.18 -10.15 20.14
C ALA A 105 -9.15 -10.15 21.27
N ILE A 106 -8.33 -9.09 21.30
CA ILE A 106 -7.18 -8.92 22.22
C ILE A 106 -6.64 -10.26 22.79
N GLU A 107 -5.76 -10.88 21.99
CA GLU A 107 -5.25 -12.23 22.23
C GLU A 107 -4.30 -12.32 23.41
N GLY A 108 -3.07 -11.85 23.23
CA GLY A 108 -2.06 -11.87 24.29
C GLY A 108 -1.16 -13.08 24.28
N ARG A 109 -1.76 -14.27 24.24
CA ARG A 109 -1.01 -15.55 24.29
C ARG A 109 -0.21 -15.85 23.00
N THR A 110 1.12 -15.72 23.11
CA THR A 110 2.06 -15.98 22.01
C THR A 110 3.48 -16.25 22.56
N ALA A 111 3.64 -17.38 23.24
CA ALA A 111 4.84 -17.66 24.06
C ALA A 111 5.92 -18.60 23.50
N THR A 112 6.04 -18.67 22.17
CA THR A 112 7.20 -19.32 21.49
C THR A 112 7.73 -18.52 20.28
N SER A 113 7.39 -17.22 20.22
CA SER A 113 7.90 -16.28 19.19
C SER A 113 7.68 -14.80 19.56
N GLU A 114 8.67 -13.94 19.29
CA GLU A 114 8.62 -12.52 19.68
C GLU A 114 8.65 -11.46 18.54
N TYR A 115 7.86 -11.71 17.50
CA TYR A 115 7.44 -10.65 16.57
C TYR A 115 5.93 -10.63 16.56
N GLN A 116 5.35 -11.84 16.62
CA GLN A 116 3.93 -12.13 16.37
C GLN A 116 3.63 -12.07 14.86
N THR A 117 3.96 -13.15 14.14
CA THR A 117 3.59 -13.28 12.71
C THR A 117 2.11 -13.73 12.59
N PHE A 118 1.48 -13.43 11.45
CA PHE A 118 0.02 -13.22 11.39
C PHE A 118 -0.89 -14.26 10.70
N PHE A 119 -0.98 -14.26 9.36
CA PHE A 119 -1.84 -15.22 8.64
C PHE A 119 -1.49 -16.72 8.86
N ASN A 120 -2.53 -17.53 9.12
CA ASN A 120 -2.36 -18.95 9.49
C ASN A 120 -1.88 -19.90 8.38
N PRO A 121 -1.01 -20.89 8.74
CA PRO A 121 -0.39 -21.81 7.75
C PRO A 121 -1.31 -22.92 7.17
N ARG A 122 -2.00 -22.60 6.06
CA ARG A 122 -2.66 -23.59 5.21
C ARG A 122 -2.44 -23.19 3.74
N THR A 123 -3.39 -22.43 3.18
CA THR A 123 -3.14 -21.64 1.98
C THR A 123 -3.36 -20.16 2.35
N PHE A 124 -2.40 -19.60 3.09
CA PHE A 124 -2.40 -18.18 3.48
C PHE A 124 -1.34 -17.77 2.46
N GLY A 125 -0.60 -18.41 1.42
CA GLY A 125 0.17 -19.70 1.49
C GLY A 125 1.33 -19.93 2.43
N SER A 126 2.52 -20.06 1.86
CA SER A 126 3.74 -20.11 2.65
C SER A 126 4.68 -18.96 2.25
N GLY A 127 5.49 -18.54 3.20
CA GLY A 127 6.46 -17.47 3.01
C GLY A 127 6.82 -16.83 4.32
N GLU A 128 5.91 -16.98 5.29
CA GLU A 128 5.84 -16.09 6.44
C GLU A 128 7.05 -16.10 7.39
N ALA A 129 7.45 -17.29 7.83
CA ALA A 129 8.54 -17.41 8.80
C ALA A 129 9.82 -16.73 8.31
N ASP A 130 10.05 -16.81 7.01
CA ASP A 130 11.31 -16.39 6.42
C ASP A 130 11.25 -15.05 5.68
N CYS A 131 10.06 -14.46 5.54
CA CYS A 131 9.88 -13.30 4.70
C CYS A 131 10.78 -12.14 5.11
N GLY A 132 11.26 -11.40 4.12
CA GLY A 132 12.02 -10.20 4.38
C GLY A 132 13.46 -10.49 4.71
N LEU A 133 13.89 -11.73 4.53
CA LEU A 133 15.32 -12.10 4.64
C LEU A 133 15.78 -12.59 3.29
N ARG A 134 16.73 -11.90 2.68
CA ARG A 134 17.12 -12.17 1.33
C ARG A 134 18.14 -13.31 1.24
N PRO A 135 17.89 -14.29 0.36
CA PRO A 135 18.87 -15.38 0.17
C PRO A 135 20.29 -14.92 -0.15
N LEU A 136 20.46 -13.89 -0.99
CA LEU A 136 21.83 -13.44 -1.34
C LEU A 136 22.43 -12.39 -0.37
N PHE A 137 21.67 -12.01 0.66
CA PHE A 137 22.15 -10.98 1.58
C PHE A 137 22.00 -11.39 3.04
N GLU A 138 20.81 -11.27 3.62
CA GLU A 138 20.75 -11.61 5.03
C GLU A 138 21.12 -13.07 5.33
N LYS A 139 20.68 -14.02 4.51
CA LYS A 139 20.97 -15.44 4.69
C LYS A 139 22.44 -15.83 4.45
N LYS A 140 23.16 -15.07 3.62
CA LYS A 140 24.58 -15.28 3.39
C LYS A 140 25.43 -14.47 4.34
N SER A 141 24.81 -13.72 5.24
CA SER A 141 25.52 -12.68 6.01
C SER A 141 26.27 -11.64 5.11
N LEU A 142 25.68 -11.18 4.01
CA LEU A 142 26.29 -10.10 3.21
C LEU A 142 25.44 -8.84 3.26
N GLU A 143 26.08 -7.67 3.24
CA GLU A 143 25.37 -6.38 3.31
C GLU A 143 25.30 -5.88 1.89
N ASP A 144 24.22 -5.21 1.48
CA ASP A 144 24.20 -4.61 0.15
C ASP A 144 24.88 -3.24 0.16
N LYS A 145 25.15 -2.68 -1.00
CA LYS A 145 25.99 -1.51 -1.01
C LYS A 145 25.35 -0.26 -0.35
N THR A 146 24.05 -0.20 -0.13
CA THR A 146 23.56 1.04 0.48
C THR A 146 22.62 0.93 1.67
N GLU A 147 22.42 -0.26 2.19
CA GLU A 147 21.51 -0.41 3.31
C GLU A 147 22.02 0.35 4.54
N ARG A 148 23.33 0.46 4.68
CA ARG A 148 23.95 1.14 5.85
C ARG A 148 23.35 2.53 6.01
N GLU A 149 23.11 3.20 4.90
CA GLU A 149 22.44 4.48 4.87
C GLU A 149 21.09 4.44 5.60
N LEU A 150 20.33 3.35 5.42
CA LEU A 150 19.03 3.20 6.06
C LEU A 150 19.18 3.05 7.56
N LEU A 151 20.07 2.15 8.00
CA LEU A 151 20.25 1.84 9.43
C LEU A 151 20.78 3.06 10.15
N GLU A 152 21.65 3.81 9.50
CA GLU A 152 22.20 5.04 10.10
C GLU A 152 21.17 6.14 10.29
N SER A 153 20.14 6.16 9.46
CA SER A 153 19.08 7.14 9.63
C SER A 153 18.31 6.89 10.90
N TYR A 154 18.29 5.67 11.41
CA TYR A 154 17.62 5.40 12.72
C TYR A 154 18.39 5.94 13.91
N ILE A 155 19.70 5.89 13.80
CA ILE A 155 20.64 6.12 14.91
C ILE A 155 20.88 7.60 15.23
N ASP A 156 21.30 8.38 14.25
CA ASP A 156 21.28 9.84 14.42
C ASP A 156 19.87 10.48 14.22
N ILE B 1 12.09 5.56 -11.42
CA ILE B 1 12.88 6.02 -10.25
C ILE B 1 13.86 7.10 -10.75
N VAL B 2 13.69 8.35 -10.26
CA VAL B 2 14.56 9.46 -10.59
C VAL B 2 15.70 9.53 -9.59
N GLU B 3 16.91 9.68 -10.11
CA GLU B 3 18.12 9.80 -9.29
C GLU B 3 18.44 8.58 -8.46
N GLY B 4 18.07 7.40 -8.94
CA GLY B 4 18.42 6.19 -8.25
C GLY B 4 19.63 5.56 -8.89
N SER B 5 19.91 4.31 -8.53
CA SER B 5 20.99 3.57 -9.15
C SER B 5 20.49 2.15 -9.51
N ASP B 6 21.27 1.42 -10.28
CA ASP B 6 20.93 0.06 -10.62
C ASP B 6 20.83 -0.80 -9.38
N ALA B 7 19.85 -1.69 -9.29
CA ALA B 7 19.88 -2.61 -8.15
C ALA B 7 21.01 -3.62 -8.29
N GLU B 8 21.46 -4.19 -7.18
CA GLU B 8 22.30 -5.36 -7.22
C GLU B 8 21.41 -6.59 -7.45
N ILE B 9 21.99 -7.69 -7.92
CA ILE B 9 21.27 -8.96 -8.15
C ILE B 9 20.70 -9.49 -6.84
N GLY B 10 19.41 -9.82 -6.80
CA GLY B 10 18.78 -10.32 -5.56
C GLY B 10 18.64 -9.34 -4.38
N MET B 11 18.74 -8.04 -4.66
CA MET B 11 18.67 -6.98 -3.66
C MET B 11 17.24 -6.76 -3.21
N SER B 12 16.31 -6.94 -4.15
CA SER B 12 14.91 -6.82 -3.82
C SER B 12 14.10 -8.02 -4.39
N PRO B 13 14.21 -9.20 -3.73
CA PRO B 13 13.71 -10.43 -4.33
C PRO B 13 12.15 -10.57 -4.29
N TRP B 14 11.50 -9.59 -3.72
CA TRP B 14 10.06 -9.56 -3.63
C TRP B 14 9.53 -8.66 -4.72
N GLN B 15 10.41 -8.03 -5.49
CA GLN B 15 9.91 -7.08 -6.47
C GLN B 15 9.20 -7.86 -7.54
N VAL B 16 8.03 -7.41 -7.96
CA VAL B 16 7.26 -8.09 -9.02
C VAL B 16 6.98 -7.09 -10.13
N MET B 17 6.99 -7.56 -11.39
CA MET B 17 6.57 -6.75 -12.53
C MET B 17 5.19 -7.20 -12.97
N LEU B 18 4.27 -6.25 -13.10
CA LEU B 18 2.95 -6.54 -13.63
C LEU B 18 3.00 -6.18 -15.11
N PHE B 19 2.47 -7.06 -15.94
CA PHE B 19 2.77 -7.04 -17.34
C PHE B 19 1.52 -7.38 -18.16
N ARG B 20 1.23 -6.54 -19.14
CA ARG B 20 0.09 -6.73 -20.01
C ARG B 20 0.41 -7.78 -21.07
N LYS B 21 -0.48 -8.78 -21.20
CA LYS B 21 -0.29 -9.86 -22.17
C LYS B 21 -0.17 -9.29 -23.55
N SER B 22 -1.14 -8.48 -23.96
CA SER B 22 -1.14 -7.96 -25.32
C SER B 22 -1.85 -6.62 -25.33
N PRO B 23 -1.21 -5.57 -25.90
CA PRO B 23 0.20 -5.58 -26.34
C PRO B 23 1.12 -5.76 -25.14
N GLN B 24 2.28 -6.37 -25.37
CA GLN B 24 3.24 -6.72 -24.33
C GLN B 24 3.88 -5.43 -23.73
N GLU B 25 3.75 -5.22 -22.44
CA GLU B 25 3.95 -3.88 -21.88
C GLU B 25 3.99 -3.95 -20.35
N LEU B 26 5.02 -3.35 -19.75
CA LEU B 26 5.10 -3.24 -18.31
C LEU B 26 3.97 -2.31 -17.91
N LEU B 27 3.21 -2.68 -16.89
CA LEU B 27 2.18 -1.80 -16.34
C LEU B 27 2.66 -1.09 -15.09
N CYS B 28 3.31 -1.82 -14.19
CA CYS B 28 3.44 -1.33 -12.82
C CYS B 28 4.39 -2.29 -12.14
N GLY B 29 4.67 -1.98 -10.88
CA GLY B 29 5.39 -2.93 -10.04
C GLY B 29 4.41 -3.54 -9.06
N ALA B 30 4.90 -4.38 -8.16
CA ALA B 30 4.07 -5.10 -7.23
C ALA B 30 5.06 -5.76 -6.30
N SER B 31 4.59 -6.44 -5.25
CA SER B 31 5.51 -7.14 -4.31
C SER B 31 4.93 -8.47 -3.87
N LEU B 32 5.81 -9.45 -3.72
CA LEU B 32 5.41 -10.79 -3.41
C LEU B 32 5.35 -10.90 -1.89
N ILE B 33 4.18 -11.21 -1.35
CA ILE B 33 4.03 -11.29 0.10
C ILE B 33 3.91 -12.74 0.60
N SER B 34 3.70 -13.66 -0.32
CA SER B 34 3.77 -15.10 -0.03
C SER B 34 3.96 -15.87 -1.30
N ASP B 35 3.93 -17.21 -1.20
CA ASP B 35 4.10 -18.04 -2.35
C ASP B 35 2.96 -17.92 -3.34
N ARG B 36 1.87 -17.24 -3.01
CA ARG B 36 0.76 -17.16 -3.98
C ARG B 36 -0.09 -15.89 -3.88
N TRP B 37 0.35 -14.92 -3.06
CA TRP B 37 -0.26 -13.59 -3.06
C TRP B 37 0.68 -12.43 -3.40
N VAL B 38 0.18 -11.50 -4.19
CA VAL B 38 0.97 -10.36 -4.61
C VAL B 38 0.26 -9.06 -4.23
N LEU B 39 0.97 -8.10 -3.66
CA LEU B 39 0.41 -6.77 -3.37
C LEU B 39 0.71 -5.75 -4.48
N THR B 40 -0.23 -4.86 -4.78
CA THR B 40 0.03 -3.77 -5.73
C THR B 40 -0.82 -2.52 -5.43
N ALA B 41 -0.71 -1.46 -6.25
CA ALA B 41 -1.52 -0.26 -6.08
C ALA B 41 -2.82 -0.49 -6.88
N ALA B 42 -3.97 -0.09 -6.35
CA ALA B 42 -5.24 -0.29 -7.10
C ALA B 42 -5.24 0.42 -8.45
N HIS B 43 -4.65 1.61 -8.49
CA HIS B 43 -4.77 2.36 -9.78
C HIS B 43 -4.04 1.69 -10.92
N CYS B 44 -3.13 0.76 -10.62
CA CYS B 44 -2.53 -0.02 -11.71
C CYS B 44 -3.55 -0.93 -12.45
N LEU B 45 -4.65 -1.24 -11.78
CA LEU B 45 -5.63 -2.21 -12.31
C LEU B 45 -6.89 -1.47 -12.70
N LEU B 46 -7.22 -0.43 -11.95
CA LEU B 46 -8.48 0.24 -12.14
C LEU B 46 -8.31 1.73 -11.97
N TYR B 47 -8.44 2.47 -13.07
CA TYR B 47 -8.48 3.95 -13.04
C TYR B 47 -9.35 4.47 -14.19
N PRO B 48 -10.67 4.51 -13.96
CA PRO B 48 -11.62 4.94 -14.97
C PRO B 48 -11.29 6.25 -15.66
N PRO B 49 -10.68 7.24 -14.96
CA PRO B 49 -10.39 8.45 -15.73
C PRO B 49 -9.50 8.21 -16.94
N TRP B 50 -8.59 7.23 -16.87
CA TRP B 50 -7.75 6.85 -18.00
C TRP B 50 -8.32 5.61 -18.71
N ASP B 51 -9.59 5.32 -18.49
CA ASP B 51 -10.22 4.17 -19.12
C ASP B 51 -9.47 2.86 -18.87
N LYS B 52 -9.16 2.59 -17.61
CA LYS B 52 -8.24 1.56 -17.23
C LYS B 52 -8.98 0.58 -16.31
N ASN B 53 -9.04 -0.68 -16.71
CA ASN B 53 -9.82 -1.71 -16.03
C ASN B 53 -9.29 -3.07 -16.46
N PHE B 54 -8.22 -3.55 -15.85
CA PHE B 54 -7.64 -4.85 -16.22
C PHE B 54 -8.28 -5.98 -15.42
N THR B 55 -8.64 -7.07 -16.08
CA THR B 55 -9.17 -8.22 -15.34
C THR B 55 -8.08 -9.30 -15.30
N GLU B 56 -8.32 -10.39 -14.59
CA GLU B 56 -7.33 -11.45 -14.33
C GLU B 56 -6.62 -11.99 -15.60
N ASN B 57 -7.36 -12.10 -16.70
CA ASN B 57 -6.78 -12.68 -17.91
C ASN B 57 -5.98 -11.72 -18.76
N ASP B 58 -6.03 -10.42 -18.44
CA ASP B 58 -5.28 -9.39 -19.16
C ASP B 58 -3.81 -9.33 -18.80
N LEU B 59 -3.46 -9.89 -17.63
CA LEU B 59 -2.17 -9.63 -16.95
C LEU B 59 -1.37 -10.85 -16.64
N LEU B 60 -0.07 -10.63 -16.42
CA LEU B 60 0.87 -11.63 -15.94
C LEU B 60 1.61 -11.01 -14.77
N VAL B 61 2.08 -11.82 -13.83
CA VAL B 61 3.03 -11.29 -12.89
C VAL B 61 4.31 -11.98 -13.20
N ARG B 62 5.41 -11.22 -13.16
CA ARG B 62 6.72 -11.72 -13.43
C ARG B 62 7.56 -11.43 -12.22
N ILE B 63 8.16 -12.48 -11.67
CA ILE B 63 8.90 -12.36 -10.41
C ILE B 63 10.33 -12.81 -10.62
N GLY B 64 11.25 -12.27 -9.82
CA GLY B 64 12.69 -12.57 -9.92
C GLY B 64 13.43 -11.76 -11.00
N LYS B 65 12.78 -10.75 -11.54
CA LYS B 65 13.41 -9.99 -12.65
C LYS B 65 14.50 -8.97 -12.22
N HIS B 66 15.26 -8.47 -13.20
CA HIS B 66 16.28 -7.47 -12.98
C HIS B 66 16.27 -6.62 -14.24
N SER B 67 16.49 -7.25 -15.38
CA SER B 67 16.30 -6.57 -16.67
C SER B 67 14.88 -6.12 -16.87
N ARG B 68 14.69 -4.89 -17.35
CA ARG B 68 13.35 -4.40 -17.65
C ARG B 68 12.72 -5.21 -18.79
N THR B 69 13.52 -5.58 -19.80
CA THR B 69 12.95 -6.02 -21.07
C THR B 69 13.31 -7.43 -21.43
N ARG B 70 14.50 -7.87 -21.04
CA ARG B 70 14.94 -9.20 -21.42
C ARG B 70 14.04 -10.25 -20.77
N TYR B 71 13.74 -11.32 -21.51
CA TYR B 71 13.06 -12.46 -20.90
C TYR B 71 14.10 -13.31 -20.18
N GLU B 72 14.05 -13.34 -18.85
CA GLU B 72 15.15 -13.87 -18.06
C GLU B 72 14.87 -15.32 -17.66
N ARG B 73 14.68 -16.13 -18.70
CA ARG B 73 14.38 -17.54 -18.53
C ARG B 73 15.32 -18.26 -17.62
N ASN B 74 14.74 -19.00 -16.68
CA ASN B 74 15.39 -19.84 -15.68
C ASN B 74 15.71 -19.10 -14.39
N ILE B 75 15.51 -17.77 -14.41
CA ILE B 75 15.68 -16.87 -13.26
C ILE B 75 14.31 -16.36 -12.85
N GLU B 76 13.59 -15.71 -13.77
CA GLU B 76 12.26 -15.18 -13.49
C GLU B 76 11.14 -16.22 -13.61
N LYS B 77 10.03 -15.97 -12.95
CA LYS B 77 8.92 -16.88 -12.97
C LYS B 77 7.73 -16.07 -13.42
N ILE B 78 6.96 -16.62 -14.36
CA ILE B 78 5.80 -15.89 -14.89
C ILE B 78 4.54 -16.62 -14.41
N SER B 79 3.66 -15.94 -13.66
CA SER B 79 2.46 -16.59 -13.12
C SER B 79 1.23 -15.91 -13.64
N MET B 80 0.20 -16.71 -13.86
CA MET B 80 -1.10 -16.18 -14.29
C MET B 80 -1.84 -15.85 -13.05
N LEU B 81 -2.93 -15.09 -13.22
CA LEU B 81 -3.72 -14.62 -12.09
C LEU B 81 -5.01 -15.40 -11.90
N GLU B 82 -5.27 -15.76 -10.65
CA GLU B 82 -6.55 -16.41 -10.28
C GLU B 82 -7.60 -15.36 -9.99
N LYS B 83 -7.26 -14.37 -9.16
CA LYS B 83 -8.24 -13.44 -8.61
C LYS B 83 -7.60 -12.10 -8.19
N ILE B 84 -8.31 -10.99 -8.44
CA ILE B 84 -7.94 -9.60 -8.07
C ILE B 84 -8.88 -9.03 -7.03
N TYR B 85 -8.33 -8.37 -6.03
CA TYR B 85 -9.11 -7.77 -4.99
C TYR B 85 -8.65 -6.32 -4.89
N ILE B 86 -9.54 -5.39 -5.20
CA ILE B 86 -9.25 -4.00 -5.08
C ILE B 86 -9.89 -3.53 -3.79
N HIS B 87 -9.21 -2.69 -3.02
CA HIS B 87 -9.87 -2.21 -1.86
C HIS B 87 -11.24 -1.63 -2.25
N PRO B 88 -12.33 -2.08 -1.55
CA PRO B 88 -13.68 -1.58 -1.82
C PRO B 88 -13.77 -0.06 -1.71
N ARG B 89 -12.97 0.60 -0.88
CA ARG B 89 -13.04 2.05 -0.75
C ARG B 89 -11.78 2.79 -1.33
N TYR B 90 -11.14 2.14 -2.29
CA TYR B 90 -10.11 2.82 -3.10
C TYR B 90 -10.77 4.01 -3.76
N ASN B 91 -10.38 5.21 -3.31
CA ASN B 91 -11.06 6.44 -3.70
C ASN B 91 -10.52 7.07 -5.01
N TRP B 92 -10.74 6.41 -6.15
CA TRP B 92 -10.19 6.93 -7.41
C TRP B 92 -10.77 8.25 -7.89
N ARG B 93 -11.95 8.61 -7.40
CA ARG B 93 -12.61 9.83 -7.86
C ARG B 93 -11.99 11.02 -7.24
N GLU B 94 -11.34 10.87 -6.08
CA GLU B 94 -10.78 12.00 -5.40
C GLU B 94 -9.26 12.03 -5.38
N ASN B 95 -8.66 11.17 -4.55
CA ASN B 95 -7.26 11.33 -4.18
C ASN B 95 -6.51 10.01 -4.06
N LEU B 96 -7.09 8.94 -4.60
CA LEU B 96 -6.46 7.62 -4.57
C LEU B 96 -6.25 7.15 -3.11
N ASP B 97 -7.12 7.57 -2.18
CA ASP B 97 -7.11 7.02 -0.78
C ASP B 97 -7.28 5.52 -0.87
N ARG B 98 -6.49 4.77 -0.07
CA ARG B 98 -6.56 3.30 -0.02
C ARG B 98 -6.17 2.70 -1.34
N ASP B 99 -5.02 3.14 -1.87
CA ASP B 99 -4.60 2.73 -3.20
C ASP B 99 -3.85 1.43 -3.04
N ILE B 100 -4.63 0.36 -3.03
CA ILE B 100 -4.12 -0.99 -2.73
C ILE B 100 -5.02 -2.05 -3.32
N ALA B 101 -4.39 -3.16 -3.72
CA ALA B 101 -5.02 -4.28 -4.39
C ALA B 101 -4.21 -5.53 -4.08
N LEU B 102 -4.87 -6.70 -4.08
CA LEU B 102 -4.21 -7.97 -3.86
C LEU B 102 -4.50 -8.78 -5.06
N MET B 103 -3.59 -9.69 -5.39
CA MET B 103 -3.77 -10.57 -6.53
C MET B 103 -3.35 -11.98 -6.14
N LYS B 104 -4.27 -12.93 -6.33
CA LYS B 104 -4.02 -14.35 -5.99
C LYS B 104 -3.46 -15.04 -7.22
N LEU B 105 -2.36 -15.76 -7.09
CA LEU B 105 -1.74 -16.41 -8.24
C LEU B 105 -2.40 -17.75 -8.57
N LYS B 106 -2.48 -18.12 -9.84
CA LYS B 106 -3.05 -19.42 -10.29
C LYS B 106 -2.48 -20.62 -9.58
N LYS B 107 -1.16 -20.63 -9.38
CA LYS B 107 -0.47 -21.67 -8.61
C LYS B 107 0.66 -21.07 -7.76
N PRO B 108 0.89 -21.63 -6.55
CA PRO B 108 2.01 -21.09 -5.76
C PRO B 108 3.31 -21.12 -6.57
N VAL B 109 4.28 -20.29 -6.18
CA VAL B 109 5.54 -20.15 -6.88
C VAL B 109 6.64 -20.68 -5.96
N ALA B 110 7.68 -21.29 -6.50
CA ALA B 110 8.81 -21.72 -5.64
C ALA B 110 9.78 -20.56 -5.40
N PHE B 111 10.31 -20.45 -4.19
CA PHE B 111 11.26 -19.40 -3.85
C PHE B 111 12.63 -19.81 -4.36
N SER B 112 13.56 -18.85 -4.49
CA SER B 112 14.92 -19.08 -5.04
C SER B 112 15.81 -17.90 -4.57
N ASP B 113 17.01 -17.76 -5.13
CA ASP B 113 17.93 -16.73 -4.66
C ASP B 113 17.38 -15.37 -5.03
N TYR B 114 16.49 -15.38 -6.03
CA TYR B 114 15.96 -14.21 -6.72
C TYR B 114 14.51 -13.93 -6.45
N ILE B 115 13.84 -14.91 -5.81
CA ILE B 115 12.42 -14.89 -5.59
C ILE B 115 12.20 -15.20 -4.11
N HIS B 116 11.64 -14.24 -3.38
CA HIS B 116 11.47 -14.37 -1.95
C HIS B 116 10.60 -13.24 -1.44
N PRO B 117 9.61 -13.54 -0.53
CA PRO B 117 8.60 -12.57 -0.15
C PRO B 117 9.12 -11.53 0.84
N VAL B 118 8.52 -10.34 0.81
CA VAL B 118 8.77 -9.32 1.83
C VAL B 118 7.86 -9.55 3.08
N CYS B 119 8.29 -9.08 4.25
CA CYS B 119 7.39 -9.04 5.42
C CYS B 119 6.45 -7.87 5.47
N LEU B 120 5.31 -8.09 6.12
CA LEU B 120 4.38 -7.00 6.44
C LEU B 120 4.54 -6.54 7.88
N PRO B 121 4.44 -5.24 8.12
CA PRO B 121 4.74 -4.76 9.46
C PRO B 121 3.70 -5.19 10.51
N ASP B 122 4.16 -5.41 11.74
CA ASP B 122 3.23 -5.41 12.88
C ASP B 122 3.14 -3.99 13.38
N ARG B 123 2.21 -3.77 14.32
CA ARG B 123 1.96 -2.48 14.93
C ARG B 123 3.19 -1.91 15.58
N GLU B 124 3.94 -2.76 16.27
CA GLU B 124 5.13 -2.34 16.96
C GLU B 124 6.22 -1.90 15.96
N THR B 125 6.44 -2.72 14.93
CA THR B 125 7.41 -2.37 13.86
C THR B 125 7.06 -1.03 13.15
N ALA B 126 5.77 -0.90 12.81
CA ALA B 126 5.23 0.32 12.20
C ALA B 126 5.45 1.51 13.12
N ALA B 127 5.19 1.34 14.42
CA ALA B 127 5.35 2.45 15.37
C ALA B 127 6.78 2.93 15.48
N SER B 128 7.74 2.02 15.40
CA SER B 128 9.12 2.46 15.63
C SER B 128 9.88 2.91 14.41
N LEU B 129 9.46 2.42 13.24
CA LEU B 129 10.19 2.64 11.98
C LEU B 129 9.58 3.78 11.18
N LEU B 130 8.27 3.90 11.26
CA LEU B 130 7.59 4.91 10.48
C LEU B 130 7.69 6.30 11.11
N GLN B 131 8.88 6.89 11.08
CA GLN B 131 9.11 8.26 11.64
C GLN B 131 9.89 9.15 10.70
N ALA B 132 9.57 10.43 10.74
CA ALA B 132 10.22 11.43 9.92
C ALA B 132 11.71 11.38 10.07
N GLY B 133 12.42 11.45 8.97
CA GLY B 133 13.84 11.38 9.06
C GLY B 133 14.37 10.01 8.73
N TYR B 134 13.64 8.96 9.09
CA TYR B 134 14.09 7.59 8.80
C TYR B 134 13.94 7.28 7.31
N LYS B 135 14.93 6.58 6.75
CA LYS B 135 14.87 6.29 5.30
C LYS B 135 14.36 4.87 4.98
N GLY B 136 13.63 4.76 3.87
CA GLY B 136 13.20 3.47 3.32
C GLY B 136 13.69 3.49 1.88
N ARG B 137 13.47 2.39 1.18
CA ARG B 137 14.02 2.18 -0.12
C ARG B 137 12.87 1.89 -1.04
N VAL B 138 12.92 2.45 -2.25
CA VAL B 138 11.90 2.23 -3.24
C VAL B 138 12.60 1.69 -4.50
N THR B 139 11.94 0.77 -5.20
CA THR B 139 12.48 0.12 -6.38
C THR B 139 11.46 0.14 -7.52
N GLY B 140 11.93 0.00 -8.77
CA GLY B 140 11.02 -0.07 -9.89
C GLY B 140 11.67 0.16 -11.24
N TRP B 141 10.90 -0.11 -12.32
CA TRP B 141 11.33 0.05 -13.71
C TRP B 141 10.66 1.24 -14.36
N GLY B 142 10.16 2.18 -13.53
CA GLY B 142 9.44 3.34 -14.08
C GLY B 142 10.36 4.40 -14.66
N ASN B 143 9.78 5.53 -15.09
CA ASN B 143 10.58 6.54 -15.79
C ASN B 143 11.76 7.06 -14.99
N LEU B 144 12.85 7.40 -15.67
CA LEU B 144 14.03 8.07 -15.07
C LEU B 144 13.87 9.57 -14.88
N LYS B 145 12.85 10.17 -15.49
CA LYS B 145 12.71 11.61 -15.39
C LYS B 145 11.28 11.90 -15.58
N GLU B 146 10.86 13.07 -15.12
CA GLU B 146 9.52 13.50 -15.29
C GLU B 146 9.15 13.54 -16.76
N THR B 147 10.08 13.96 -17.60
CA THR B 147 9.81 14.11 -19.05
C THR B 147 10.62 13.04 -19.81
N TRP B 148 10.04 11.83 -19.93
CA TRP B 148 10.81 10.57 -20.18
C TRP B 148 11.88 10.72 -21.26
N GLY B 155 13.48 8.11 -20.91
CA GLY B 155 14.42 7.30 -20.16
C GLY B 155 13.57 6.29 -19.42
N GLN B 156 13.68 5.07 -19.93
CA GLN B 156 13.29 3.80 -19.33
C GLN B 156 14.65 3.21 -18.90
N PRO B 157 14.74 2.61 -17.69
CA PRO B 157 16.03 2.05 -17.33
C PRO B 157 16.22 0.70 -18.01
N SER B 158 17.47 0.29 -18.19
CA SER B 158 17.67 -1.05 -18.70
C SER B 158 17.47 -2.08 -17.60
N VAL B 159 17.63 -1.67 -16.35
CA VAL B 159 17.66 -2.63 -15.23
C VAL B 159 16.91 -2.04 -14.01
N LEU B 160 16.45 -2.90 -13.10
CA LEU B 160 15.73 -2.45 -11.91
C LEU B 160 16.50 -1.34 -11.21
N GLN B 161 15.81 -0.24 -10.89
CA GLN B 161 16.39 0.92 -10.18
C GLN B 161 16.00 0.93 -8.72
N VAL B 162 16.88 1.47 -7.88
CA VAL B 162 16.63 1.57 -6.46
C VAL B 162 16.96 2.98 -5.92
N VAL B 163 16.18 3.51 -4.96
CA VAL B 163 16.55 4.78 -4.35
C VAL B 163 16.16 4.78 -2.87
N ASN B 164 17.03 5.30 -2.00
CA ASN B 164 16.77 5.49 -0.58
C ASN B 164 16.27 6.91 -0.30
N LEU B 165 15.17 7.03 0.43
CA LEU B 165 14.51 8.31 0.66
C LEU B 165 14.00 8.41 2.10
N PRO B 166 14.02 9.64 2.69
CA PRO B 166 13.53 9.73 4.04
C PRO B 166 12.04 10.03 4.11
N ILE B 167 11.38 9.49 5.14
CA ILE B 167 10.01 9.77 5.47
C ILE B 167 9.91 11.21 5.94
N VAL B 168 8.85 11.90 5.49
CA VAL B 168 8.68 13.33 5.70
C VAL B 168 7.56 13.58 6.74
N GLU B 169 7.70 14.60 7.59
CA GLU B 169 6.65 14.96 8.58
C GLU B 169 5.33 15.27 7.88
N ARG B 170 4.22 14.84 8.47
CA ARG B 170 2.90 15.00 7.89
C ARG B 170 2.51 16.47 7.55
N PRO B 171 2.74 17.44 8.47
CA PRO B 171 2.43 18.82 8.13
C PRO B 171 3.14 19.32 6.85
N VAL B 172 4.41 18.93 6.67
CA VAL B 172 5.15 19.20 5.44
C VAL B 172 4.56 18.52 4.21
N CYS B 173 4.08 17.27 4.35
CA CYS B 173 3.42 16.57 3.26
C CYS B 173 2.17 17.36 2.86
N LYS B 174 1.37 17.66 3.86
CA LYS B 174 0.09 18.34 3.68
C LYS B 174 0.20 19.66 2.94
N ASP B 175 1.18 20.47 3.31
CA ASP B 175 1.41 21.78 2.71
C ASP B 175 2.11 21.74 1.39
N SER B 176 2.57 20.56 0.95
CA SER B 176 3.29 20.47 -0.30
C SER B 176 2.33 20.29 -1.49
N THR B 177 1.05 20.03 -1.23
CA THR B 177 0.10 19.70 -2.28
C THR B 177 -1.31 20.22 -1.98
N ARG B 178 -2.11 20.40 -3.03
CA ARG B 178 -3.47 20.81 -2.85
C ARG B 178 -4.35 19.59 -2.68
N ILE B 179 -3.84 18.43 -3.06
CA ILE B 179 -4.61 17.19 -3.01
C ILE B 179 -4.78 16.76 -1.51
N ARG B 180 -5.95 16.20 -1.17
CA ARG B 180 -6.21 15.91 0.24
C ARG B 180 -5.42 14.66 0.65
N ILE B 181 -4.55 14.82 1.65
CA ILE B 181 -3.80 13.66 2.12
C ILE B 181 -4.49 13.03 3.36
N THR B 182 -4.38 11.70 3.51
CA THR B 182 -5.07 10.97 4.56
C THR B 182 -4.16 10.09 5.43
N ASP B 183 -4.75 9.50 6.46
CA ASP B 183 -3.98 8.67 7.36
C ASP B 183 -3.60 7.40 6.63
N ASN B 184 -4.22 7.11 5.48
CA ASN B 184 -3.86 5.93 4.71
C ASN B 184 -2.64 6.15 3.75
N MET B 185 -1.94 7.28 3.91
CA MET B 185 -0.80 7.63 3.03
C MET B 185 0.27 8.14 3.95
N PHE B 186 1.52 8.11 3.47
CA PHE B 186 2.61 8.86 4.03
C PHE B 186 3.43 9.37 2.85
N CYS B 187 4.36 10.29 3.10
CA CYS B 187 5.17 10.81 2.03
C CYS B 187 6.66 10.70 2.37
N ALA B 188 7.52 10.75 1.34
CA ALA B 188 8.94 10.54 1.50
C ALA B 188 9.68 11.30 0.41
N GLY B 189 10.91 11.71 0.71
CA GLY B 189 11.76 12.38 -0.27
C GLY B 189 12.56 13.43 0.47
N TYR B 190 13.58 13.97 -0.16
CA TYR B 190 14.35 15.01 0.48
C TYR B 190 13.71 16.38 0.32
N LYS B 191 13.93 17.23 1.32
CA LYS B 191 13.50 18.62 1.30
C LYS B 191 14.41 19.43 0.38
N PRO B 192 13.89 20.52 -0.22
CA PRO B 192 14.82 21.35 -0.99
C PRO B 192 15.78 21.96 0.03
N ASP B 193 17.06 22.03 -0.25
CA ASP B 193 18.00 22.49 0.79
C ASP B 193 18.46 21.38 1.72
N GLU B 194 18.11 20.13 1.42
CA GLU B 194 18.78 18.98 2.03
C GLU B 194 19.85 18.48 1.07
N GLY B 195 19.85 18.96 -0.17
CA GLY B 195 20.94 18.58 -1.08
C GLY B 195 20.67 17.38 -1.98
N LYS B 196 20.50 16.20 -1.37
CA LYS B 196 20.22 14.95 -2.09
C LYS B 196 18.85 15.01 -2.81
N ARG B 197 18.69 14.17 -3.83
CA ARG B 197 17.48 14.15 -4.65
C ARG B 197 16.97 12.70 -4.74
N GLY B 198 15.85 12.52 -5.43
CA GLY B 198 15.31 11.17 -5.62
C GLY B 198 13.79 11.13 -5.44
N ASP B 199 13.14 10.24 -6.20
CA ASP B 199 11.67 10.12 -6.16
C ASP B 199 11.29 8.86 -6.94
N ALA B 200 10.05 8.39 -6.75
CA ALA B 200 9.50 7.38 -7.64
C ALA B 200 8.89 8.22 -8.75
N CYS B 201 8.44 7.55 -9.81
CA CYS B 201 7.86 8.24 -10.97
C CYS B 201 6.76 7.38 -11.59
N GLU B 202 6.17 7.80 -12.73
CA GLU B 202 5.13 6.98 -13.35
C GLU B 202 5.74 5.66 -13.77
N GLY B 203 4.97 4.58 -13.69
CA GLY B 203 5.58 3.24 -14.00
C GLY B 203 6.14 2.56 -12.76
N ASP B 204 6.38 3.34 -11.69
CA ASP B 204 6.86 2.71 -10.42
C ASP B 204 5.73 2.30 -9.47
N SER B 205 4.51 2.76 -9.78
CA SER B 205 3.35 2.51 -8.90
C SER B 205 3.25 1.05 -8.61
N GLY B 206 2.85 0.70 -7.38
CA GLY B 206 2.66 -0.73 -7.01
C GLY B 206 3.88 -1.26 -6.27
N GLY B 207 5.02 -0.66 -6.56
CA GLY B 207 6.29 -1.13 -6.03
C GLY B 207 6.34 -0.81 -4.56
N PRO B 208 7.18 -1.56 -3.81
CA PRO B 208 7.23 -1.45 -2.38
C PRO B 208 8.19 -0.39 -1.86
N PHE B 209 7.76 0.35 -0.82
CA PHE B 209 8.66 1.17 -0.03
C PHE B 209 9.01 0.30 1.17
N VAL B 210 10.28 -0.04 1.34
CA VAL B 210 10.65 -1.02 2.35
C VAL B 210 11.64 -0.43 3.35
N MET B 211 11.64 -0.95 4.59
CA MET B 211 12.52 -0.49 5.63
C MET B 211 13.08 -1.74 6.25
N LYS B 212 14.38 -1.74 6.52
CA LYS B 212 15.06 -2.88 7.09
C LYS B 212 15.08 -2.66 8.60
N SER B 213 14.52 -3.61 9.36
CA SER B 213 14.41 -3.42 10.79
C SER B 213 15.74 -3.55 11.55
N PRO B 214 16.01 -2.65 12.50
CA PRO B 214 17.27 -2.82 13.25
C PRO B 214 17.15 -3.93 14.33
N PHE B 215 15.94 -4.32 14.68
CA PHE B 215 15.65 -5.22 15.78
C PHE B 215 15.81 -6.69 15.34
N ASN B 216 15.43 -6.99 14.09
CA ASN B 216 15.51 -8.36 13.59
C ASN B 216 16.14 -8.47 12.21
N ASN B 217 16.55 -7.34 11.66
CA ASN B 217 17.10 -7.27 10.31
C ASN B 217 16.22 -7.85 9.18
N ARG B 218 14.91 -7.86 9.33
CA ARG B 218 14.08 -8.25 8.18
C ARG B 218 13.65 -7.01 7.50
N TRP B 219 13.34 -7.16 6.19
CA TRP B 219 12.83 -6.08 5.40
C TRP B 219 11.30 -6.08 5.45
N TYR B 220 10.72 -4.94 5.87
CA TYR B 220 9.26 -4.80 5.99
C TYR B 220 8.77 -3.86 4.91
N GLN B 221 7.66 -4.20 4.26
CA GLN B 221 7.10 -3.28 3.32
C GLN B 221 6.16 -2.33 4.06
N MET B 222 6.57 -1.08 4.17
CA MET B 222 5.74 -0.11 4.84
C MET B 222 4.81 0.68 3.90
N GLY B 223 5.19 0.78 2.62
CA GLY B 223 4.37 1.59 1.68
C GLY B 223 4.20 0.98 0.32
N ILE B 224 3.32 1.53 -0.48
CA ILE B 224 3.26 1.12 -1.92
C ILE B 224 3.30 2.41 -2.72
N VAL B 225 4.15 2.49 -3.76
CA VAL B 225 4.20 3.69 -4.59
C VAL B 225 2.80 3.98 -5.08
N SER B 226 2.33 5.19 -4.81
CA SER B 226 0.95 5.57 -5.12
C SER B 226 0.83 6.73 -6.05
N TRP B 227 1.32 7.91 -5.63
CA TRP B 227 1.13 9.09 -6.42
C TRP B 227 2.10 10.23 -6.15
N GLY B 228 2.07 11.22 -7.03
CA GLY B 228 2.97 12.38 -6.90
C GLY B 228 2.56 13.39 -7.95
N GLU B 229 3.11 14.60 -7.88
CA GLU B 229 2.77 15.66 -8.83
C GLU B 229 3.97 16.07 -9.68
N GLY B 230 4.39 15.46 -11.07
CA GLY B 230 5.77 15.38 -11.54
C GLY B 230 6.57 14.36 -10.75
N CYS B 231 7.89 14.43 -10.87
CA CYS B 231 8.77 13.50 -10.26
C CYS B 231 9.97 14.33 -9.89
N ASP B 232 10.41 14.22 -8.63
CA ASP B 232 11.62 14.87 -8.16
C ASP B 232 11.62 16.40 -8.27
N ARG B 233 10.47 17.02 -8.18
CA ARG B 233 10.42 18.49 -8.13
C ARG B 233 10.79 18.96 -6.74
N ASP B 234 11.50 20.08 -6.63
CA ASP B 234 11.76 20.71 -5.30
C ASP B 234 10.49 21.09 -4.58
N GLY B 235 10.35 20.73 -3.30
CA GLY B 235 9.14 21.10 -2.59
C GLY B 235 7.95 20.15 -2.78
N LYS B 236 8.13 19.08 -3.54
CA LYS B 236 7.10 18.05 -3.79
C LYS B 236 7.68 16.73 -3.28
N TYR B 237 6.80 15.80 -2.85
CA TYR B 237 7.19 14.55 -2.21
C TYR B 237 6.42 13.41 -2.84
N GLY B 238 7.00 12.21 -2.95
CA GLY B 238 6.21 11.06 -3.42
C GLY B 238 5.25 10.57 -2.33
N PHE B 239 4.07 10.06 -2.71
CA PHE B 239 3.09 9.54 -1.75
C PHE B 239 2.90 8.05 -1.86
N TYR B 240 2.75 7.41 -0.69
CA TYR B 240 2.80 5.94 -0.62
C TYR B 240 1.57 5.47 0.14
N THR B 241 0.99 4.33 -0.21
CA THR B 241 -0.12 3.75 0.51
C THR B 241 0.46 3.20 1.85
N HIS B 242 -0.18 3.58 2.96
CA HIS B 242 0.32 3.21 4.31
C HIS B 242 -0.05 1.73 4.50
N VAL B 243 0.89 0.82 4.38
CA VAL B 243 0.47 -0.58 4.29
C VAL B 243 -0.11 -1.08 5.63
N PHE B 244 0.53 -0.71 6.74
CA PHE B 244 0.06 -1.20 8.05
C PHE B 244 -1.40 -0.82 8.33
N ARG B 245 -1.72 0.46 8.11
CA ARG B 245 -3.09 0.94 8.27
C ARG B 245 -4.16 0.24 7.45
N LEU B 246 -3.76 -0.59 6.51
CA LEU B 246 -4.71 -1.34 5.72
C LEU B 246 -4.44 -2.83 5.87
N LYS B 247 -3.63 -3.19 6.88
CA LYS B 247 -3.29 -4.59 7.08
C LYS B 247 -4.48 -5.52 7.41
N LYS B 248 -5.44 -5.02 8.20
CA LYS B 248 -6.66 -5.76 8.53
C LYS B 248 -7.40 -6.19 7.28
N TRP B 249 -7.50 -5.28 6.30
CA TRP B 249 -8.12 -5.65 5.02
C TRP B 249 -7.30 -6.69 4.29
N ILE B 250 -5.98 -6.58 4.36
CA ILE B 250 -5.14 -7.59 3.70
C ILE B 250 -5.41 -9.01 4.29
N GLN B 251 -5.32 -9.12 5.62
CA GLN B 251 -5.53 -10.40 6.34
C GLN B 251 -6.90 -11.00 6.07
N LYS B 252 -7.94 -10.17 6.17
CA LYS B 252 -9.29 -10.58 5.89
C LYS B 252 -9.49 -11.10 4.50
N VAL B 253 -8.90 -10.46 3.49
CA VAL B 253 -9.05 -10.97 2.12
C VAL B 253 -8.39 -12.34 2.02
N ILE B 254 -7.20 -12.45 2.62
CA ILE B 254 -6.39 -13.65 2.50
C ILE B 254 -7.00 -14.81 3.29
N ASP B 255 -7.44 -14.55 4.51
CA ASP B 255 -8.03 -15.59 5.36
C ASP B 255 -9.38 -16.12 4.87
N GLN B 256 -10.19 -15.23 4.30
CA GLN B 256 -11.55 -15.55 3.83
C GLN B 256 -11.54 -16.21 2.46
N PHE B 257 -10.37 -16.34 1.85
CA PHE B 257 -10.30 -16.93 0.50
C PHE B 257 -10.80 -18.38 0.45
C1 NAG C . -14.30 -3.53 -15.42
C2 NAG C . -15.54 -2.74 -15.06
C3 NAG C . -16.62 -3.73 -14.59
C4 NAG C . -16.91 -4.77 -15.69
C5 NAG C . -15.65 -5.40 -16.29
C6 NAG C . -15.95 -5.88 -17.70
C7 NAG C . -15.53 -0.48 -14.11
C8 NAG C . -15.39 0.33 -12.86
N2 NAG C . -15.23 -1.79 -14.02
O3 NAG C . -17.80 -3.01 -14.31
O4 NAG C . -17.78 -5.82 -15.23
O5 NAG C . -14.58 -4.46 -16.45
O6 NAG C . -15.60 -7.23 -17.91
O7 NAG C . -15.91 0.06 -15.15
C1 NAG C . -19.17 -5.52 -15.56
C2 NAG C . -19.77 -6.37 -16.71
C3 NAG C . -21.29 -6.10 -16.90
C4 NAG C . -22.05 -5.83 -15.59
C5 NAG C . -21.24 -4.87 -14.72
C6 NAG C . -21.97 -4.41 -13.46
C7 NAG C . -18.96 -6.91 -18.99
C8 NAG C . -19.80 -6.70 -20.22
N2 NAG C . -19.14 -6.04 -17.99
O3 NAG C . -21.88 -7.15 -17.65
O4 NAG C . -23.34 -5.32 -15.90
O5 NAG C . -20.01 -5.50 -14.42
O6 NAG C . -21.76 -5.33 -12.43
O7 NAG C . -18.14 -7.82 -18.94
S SO4 D . 0.75 9.74 11.19
O1 SO4 D . 1.42 8.81 12.07
O2 SO4 D . 1.75 10.53 10.48
O3 SO4 D . -0.04 8.97 10.23
O4 SO4 D . -0.16 10.63 11.91
N1 DFK E . -0.12 12.99 -10.99
CA1 DFK E . -1.23 12.26 -10.43
C1 DFK E . -0.85 10.85 -10.05
O1 DFK E . 0.15 10.64 -9.36
CB1 DFK E . -1.68 12.99 -9.17
CG1 DFK E . -3.04 12.52 -8.74
CD1 DFK E . -4.13 12.58 -9.62
CD2 DFK E . -3.21 12.02 -7.45
CE1 DFK E . -5.39 12.16 -9.23
CE2 DFK E . -4.46 11.60 -7.06
CZ1 DFK E . -5.54 11.65 -7.94
N2 DFK E . -1.63 9.86 -10.50
CA2 DFK E . -1.31 8.50 -10.12
C2 DFK E . -0.06 7.98 -10.73
O2 DFK E . 0.23 8.30 -11.87
CB2 DFK E . -2.46 7.68 -10.68
CG2 DFK E . -3.53 8.59 -11.20
CD3 DFK E . -2.84 9.94 -11.33
N3 DFK E . 0.69 7.14 -10.00
CA3 DFK E . 1.91 6.55 -10.52
C3 DFK E . 1.67 5.02 -10.64
O3 DFK E . 2.70 4.61 -11.55
CB3 DFK E . 3.01 6.86 -9.51
CG3 DFK E . 3.52 8.27 -9.61
CD4 DFK E . 4.48 8.43 -8.43
NE DFK E . 5.10 9.73 -8.59
CZ3 DFK E . 5.99 10.31 -7.76
NH1 DFK E . 6.41 9.70 -6.62
NH2 DFK E . 6.49 11.51 -8.05
CH2 DFK E . 0.27 4.53 -11.11
NA NA F . 11.05 16.61 -4.11
#